data_6OWK
#
_entry.id   6OWK
#
_cell.length_a   106.176
_cell.length_b   106.176
_cell.length_c   85.302
_cell.angle_alpha   90.00
_cell.angle_beta   90.00
_cell.angle_gamma   120.00
#
_symmetry.space_group_name_H-M   'P 63'
#
_entity_poly.entity_id   1
_entity_poly.type   'polypeptide(L)'
_entity_poly.pdbx_seq_one_letter_code
;IEDSLCIAEGNNIDPFVSASTVQTGINIAGRILGVLGVPFAGQIASFYSFLVGELWPRGRDPWEIFLEHVEQLIRQQVTE
NTRDTALARLQGLGNSFRAYQQSLEDWLENRDDARTRSVLYTQYINLELDFLDAMPLFAIRNQEVPLLMVYAQAANLHLL
LLRDASLFGSEFGLTSQEIQRYYERQVEKTREYSDYCARWYNTGLNNLRGTNAESWLRYNQFRRDLTLGVLDLVALFPSY
DTRVYPMNTSAQLTREIYTDPIGRTNAPSGFASTNWFNNNAPSFSAIEAAVIRPPHLLDFPEQLTIFSVLSRWSNTQYMN
YWVGHRLESRTIRGSLSTSTHGNTNTSINPVTLQFTSRDVYRTESFAGINILLTTPVNGVPWARFNWRNPLNSLRGSLLY
TIGYTGVGTQLFDSETELPPETTERPNYESYSHRLSNIRLISGNTLRAPVYSWTHRSADRTNTISSDSITQIPLVKAHTL
QSGTTVVKGPGFTGGDILRRTSGGPFAFSNVNLDFNLSQRYRARIRYASTTNLRIYVTVAGERIFAGQFDKTMDAGAPLT
FQSFSYATINTAFTFPERSSSLTVGADTFSSGNEVYVDRFELIPVTATFEAESDLER
;
_entity_poly.pdbx_strand_id   A
#
# COMPACT_ATOMS: atom_id res chain seq x y z
N SER A 20 3.27 6.72 15.50
CA SER A 20 4.63 6.20 15.59
C SER A 20 4.71 4.79 15.04
N THR A 21 3.82 3.92 15.55
CA THR A 21 3.61 2.61 14.95
C THR A 21 3.42 2.75 13.44
N VAL A 22 2.50 3.62 13.04
CA VAL A 22 2.26 3.87 11.63
C VAL A 22 3.43 4.60 11.00
N GLN A 23 4.05 5.53 11.75
CA GLN A 23 5.19 6.28 11.23
C GLN A 23 6.32 5.34 10.84
N THR A 24 6.57 4.30 11.65
CA THR A 24 7.69 3.39 11.38
C THR A 24 7.38 2.44 10.22
N GLY A 25 6.16 1.89 10.18
CA GLY A 25 5.78 1.06 9.05
C GLY A 25 5.93 1.77 7.72
N ILE A 26 5.75 3.09 7.71
CA ILE A 26 5.96 3.87 6.49
C ILE A 26 7.44 3.95 6.16
N ASN A 27 8.26 4.33 7.15
CA ASN A 27 9.71 4.43 6.93
C ASN A 27 10.28 3.13 6.40
N ILE A 28 9.95 2.02 7.06
CA ILE A 28 10.49 0.72 6.68
C ILE A 28 10.05 0.35 5.26
N ALA A 29 8.74 0.32 5.04
CA ALA A 29 8.22 -0.10 3.74
C ALA A 29 8.71 0.82 2.62
N GLY A 30 8.70 2.12 2.85
CA GLY A 30 9.15 3.05 1.82
C GLY A 30 10.62 2.92 1.49
N ARG A 31 11.45 2.58 2.48
CA ARG A 31 12.87 2.43 2.21
C ARG A 31 13.22 1.09 1.57
N ILE A 32 12.38 0.08 1.74
CA ILE A 32 12.60 -1.19 1.04
C ILE A 32 12.34 -1.02 -0.44
N LEU A 33 11.41 -0.13 -0.82
CA LEU A 33 11.13 0.17 -2.21
C LEU A 33 12.41 0.48 -3.00
N GLY A 34 13.39 1.12 -2.36
CA GLY A 34 14.61 1.47 -3.04
C GLY A 34 15.62 0.35 -3.21
N VAL A 35 15.43 -0.77 -2.52
CA VAL A 35 16.45 -1.81 -2.46
C VAL A 35 15.82 -3.16 -2.79
N LEU A 36 15.11 -3.21 -3.91
CA LEU A 36 14.37 -4.40 -4.32
C LEU A 36 15.17 -5.21 -5.35
N GLY A 37 14.89 -6.51 -5.39
CA GLY A 37 15.57 -7.40 -6.31
C GLY A 37 17.03 -7.60 -5.98
N VAL A 38 17.91 -7.23 -6.91
CA VAL A 38 19.35 -7.30 -6.68
C VAL A 38 19.87 -5.88 -6.49
N PRO A 39 20.36 -5.53 -5.30
CA PRO A 39 21.10 -4.28 -5.15
C PRO A 39 22.59 -4.48 -5.44
N PHE A 40 23.18 -3.46 -6.04
CA PHE A 40 24.61 -3.42 -6.24
C PHE A 40 25.29 -2.70 -5.08
N ALA A 41 26.58 -2.96 -4.92
CA ALA A 41 27.47 -2.17 -4.05
C ALA A 41 26.95 -2.23 -2.62
N GLY A 42 26.76 -1.11 -1.93
CA GLY A 42 26.55 -1.17 -0.49
C GLY A 42 25.31 -0.48 0.05
N GLN A 43 24.14 -0.82 -0.48
CA GLN A 43 22.89 -0.36 0.12
C GLN A 43 22.28 -1.37 1.06
N ILE A 44 22.73 -2.62 1.00
CA ILE A 44 22.28 -3.63 1.97
C ILE A 44 22.69 -3.22 3.38
N ALA A 45 23.96 -2.85 3.54
CA ALA A 45 24.50 -2.55 4.87
C ALA A 45 23.88 -1.29 5.45
N SER A 46 23.80 -0.22 4.65
CA SER A 46 23.15 1.00 5.10
C SER A 46 21.66 0.77 5.35
N PHE A 47 21.01 -0.04 4.51
CA PHE A 47 19.62 -0.39 4.81
C PHE A 47 19.53 -1.21 6.09
N TYR A 48 20.41 -2.22 6.23
CA TYR A 48 20.45 -2.98 7.47
C TYR A 48 20.76 -2.09 8.66
N SER A 49 21.69 -1.15 8.49
CA SER A 49 21.99 -0.19 9.56
C SER A 49 20.77 0.66 9.89
N PHE A 50 20.10 1.18 8.85
CA PHE A 50 18.84 1.89 9.06
C PHE A 50 17.84 1.00 9.78
N LEU A 51 17.85 -0.30 9.47
CA LEU A 51 16.83 -1.20 9.97
C LEU A 51 16.97 -1.45 11.47
N VAL A 52 18.20 -1.62 11.95
CA VAL A 52 18.36 -1.81 13.39
C VAL A 52 18.05 -0.51 14.13
N GLY A 53 18.31 0.63 13.50
CA GLY A 53 18.02 1.90 14.16
C GLY A 53 16.53 2.11 14.32
N GLU A 54 15.75 1.73 13.30
CA GLU A 54 14.31 1.91 13.37
C GLU A 54 13.63 0.83 14.19
N LEU A 55 14.16 -0.39 14.18
CA LEU A 55 13.53 -1.51 14.86
C LEU A 55 14.10 -1.77 16.25
N TRP A 56 15.43 -1.69 16.41
CA TRP A 56 16.00 -1.79 17.74
C TRP A 56 16.69 -0.48 18.11
N PRO A 57 15.93 0.52 18.50
CA PRO A 57 16.50 1.82 18.85
C PRO A 57 16.94 1.84 20.30
N ARG A 58 17.54 2.96 20.69
CA ARG A 58 17.71 3.22 22.10
C ARG A 58 16.43 3.86 22.64
N GLY A 59 16.22 3.70 23.93
CA GLY A 59 15.09 4.35 24.59
C GLY A 59 13.76 3.60 24.66
N ARG A 60 13.26 3.15 23.51
CA ARG A 60 11.94 2.54 23.46
C ARG A 60 11.98 1.23 22.67
N ASP A 61 10.91 0.46 22.82
CA ASP A 61 10.74 -0.84 22.17
C ASP A 61 9.61 -0.73 21.15
N PRO A 62 9.91 -0.54 19.86
CA PRO A 62 8.84 -0.37 18.87
C PRO A 62 8.02 -1.63 18.67
N TRP A 63 8.54 -2.80 19.03
CA TRP A 63 7.77 -4.03 18.93
C TRP A 63 6.56 -3.99 19.86
N GLU A 64 6.78 -3.67 21.13
CA GLU A 64 5.67 -3.49 22.06
C GLU A 64 4.78 -2.33 21.66
N ILE A 65 5.30 -1.36 20.88
CA ILE A 65 4.45 -0.32 20.34
C ILE A 65 3.56 -0.88 19.22
N PHE A 66 4.13 -1.71 18.35
CA PHE A 66 3.32 -2.47 17.39
C PHE A 66 2.25 -3.26 18.12
N LEU A 67 2.68 -4.11 19.06
CA LEU A 67 1.78 -5.06 19.71
C LEU A 67 0.62 -4.35 20.40
N GLU A 68 0.91 -3.28 21.14
CA GLU A 68 -0.14 -2.57 21.85
C GLU A 68 -0.95 -1.65 20.94
N HIS A 69 -0.45 -1.35 19.74
CA HIS A 69 -1.24 -0.56 18.79
C HIS A 69 -2.40 -1.38 18.25
N VAL A 70 -2.13 -2.60 17.77
CA VAL A 70 -3.19 -3.46 17.28
C VAL A 70 -4.10 -3.87 18.43
N GLU A 71 -3.52 -4.18 19.60
CA GLU A 71 -4.30 -4.55 20.77
C GLU A 71 -5.37 -3.51 21.09
N GLN A 72 -5.00 -2.23 21.01
CA GLN A 72 -5.97 -1.17 21.25
C GLN A 72 -6.99 -1.06 20.13
N LEU A 73 -6.58 -1.37 18.89
CA LEU A 73 -7.50 -1.30 17.76
C LEU A 73 -8.65 -2.29 17.93
N ILE A 74 -8.34 -3.58 18.05
CA ILE A 74 -9.34 -4.62 18.09
C ILE A 74 -9.96 -4.70 19.48
N ARG A 75 -9.42 -3.91 20.42
CA ARG A 75 -9.91 -3.86 21.79
C ARG A 75 -9.82 -5.22 22.47
N GLN A 76 -8.64 -5.82 22.40
CA GLN A 76 -8.43 -7.15 22.96
C GLN A 76 -6.94 -7.31 23.24
N GLN A 77 -6.58 -7.26 24.52
CA GLN A 77 -5.19 -7.32 24.90
C GLN A 77 -4.67 -8.74 24.85
N VAL A 78 -3.41 -8.88 24.41
CA VAL A 78 -2.71 -10.15 24.53
C VAL A 78 -2.66 -10.57 26.00
N THR A 79 -2.54 -11.86 26.23
CA THR A 79 -2.29 -12.33 27.58
C THR A 79 -0.93 -11.81 28.05
N GLU A 80 -0.84 -11.44 29.33
CA GLU A 80 0.43 -10.97 29.90
C GLU A 80 1.57 -11.94 29.61
N ASN A 81 1.25 -13.20 29.35
CA ASN A 81 2.21 -14.24 28.98
C ASN A 81 2.77 -14.00 27.59
N THR A 82 1.95 -14.26 26.57
CA THR A 82 2.36 -14.11 25.17
C THR A 82 3.15 -12.84 24.96
N ARG A 83 2.80 -11.79 25.71
CA ARG A 83 3.58 -10.56 25.76
C ARG A 83 5.05 -10.84 26.06
N ASP A 84 5.33 -11.36 27.26
CA ASP A 84 6.71 -11.57 27.70
C ASP A 84 7.49 -12.43 26.72
N THR A 85 6.91 -13.57 26.33
CA THR A 85 7.59 -14.52 25.46
C THR A 85 8.13 -13.85 24.20
N ALA A 86 7.24 -13.16 23.47
CA ALA A 86 7.60 -12.67 22.14
C ALA A 86 8.64 -11.55 22.21
N LEU A 87 8.42 -10.56 23.09
CA LEU A 87 9.35 -9.44 23.19
C LEU A 87 10.72 -9.88 23.68
N ALA A 88 10.76 -10.86 24.60
CA ALA A 88 12.03 -11.42 25.02
C ALA A 88 12.74 -12.09 23.84
N ARG A 89 11.99 -12.88 23.07
CA ARG A 89 12.56 -13.45 21.85
C ARG A 89 12.99 -12.37 20.87
N LEU A 90 12.26 -11.25 20.83
CA LEU A 90 12.50 -10.24 19.80
C LEU A 90 13.80 -9.48 20.05
N GLN A 91 14.03 -9.03 21.29
CA GLN A 91 15.25 -8.26 21.61
C GLN A 91 16.49 -9.11 21.52
N GLY A 92 16.42 -10.34 22.01
CA GLY A 92 17.53 -11.25 21.81
C GLY A 92 17.84 -11.45 20.34
N LEU A 93 16.80 -11.64 19.53
CA LEU A 93 16.97 -11.64 18.08
C LEU A 93 17.57 -10.33 17.57
N GLY A 94 17.25 -9.21 18.24
CA GLY A 94 17.82 -7.95 17.86
C GLY A 94 19.26 -7.77 18.29
N ASN A 95 19.63 -8.33 19.44
CA ASN A 95 21.05 -8.40 19.81
C ASN A 95 21.82 -9.18 18.76
N SER A 96 21.21 -10.25 18.23
CA SER A 96 21.85 -11.05 17.20
C SER A 96 21.82 -10.36 15.85
N PHE A 97 20.70 -9.73 15.52
CA PHE A 97 20.61 -8.97 14.27
C PHE A 97 21.58 -7.79 14.27
N ARG A 98 21.72 -7.14 15.43
CA ARG A 98 22.71 -6.07 15.55
C ARG A 98 24.12 -6.62 15.41
N ALA A 99 24.37 -7.82 15.93
CA ALA A 99 25.69 -8.42 15.81
C ALA A 99 25.99 -8.82 14.37
N TYR A 100 25.05 -9.52 13.73
CA TYR A 100 25.25 -9.92 12.34
C TYR A 100 25.52 -8.72 11.44
N GLN A 101 24.64 -7.71 11.49
CA GLN A 101 24.86 -6.53 10.65
C GLN A 101 26.17 -5.84 11.01
N GLN A 102 26.49 -5.75 12.30
CA GLN A 102 27.76 -5.17 12.73
C GLN A 102 28.92 -5.78 11.96
N SER A 103 28.98 -7.12 11.91
CA SER A 103 30.05 -7.78 11.19
C SER A 103 29.78 -7.80 9.69
N LEU A 104 28.51 -7.88 9.29
CA LEU A 104 28.19 -7.65 7.88
C LEU A 104 28.69 -6.29 7.44
N GLU A 105 28.63 -5.30 8.34
CA GLU A 105 29.16 -3.97 8.09
C GLU A 105 30.68 -3.91 8.12
N ASP A 106 31.36 -5.01 8.44
CA ASP A 106 32.81 -5.07 8.36
C ASP A 106 33.28 -5.91 7.19
N TRP A 107 32.50 -6.91 6.77
CA TRP A 107 32.78 -7.61 5.53
C TRP A 107 32.84 -6.66 4.34
N LEU A 108 32.18 -5.49 4.46
CA LEU A 108 32.24 -4.44 3.46
C LEU A 108 33.64 -4.26 2.91
N GLU A 109 34.61 -4.10 3.82
CA GLU A 109 36.00 -3.87 3.44
C GLU A 109 36.76 -5.16 3.20
N ASN A 110 36.27 -6.30 3.67
CA ASN A 110 37.01 -7.55 3.58
C ASN A 110 36.87 -8.15 2.19
N ARG A 111 38.00 -8.62 1.65
CA ARG A 111 38.01 -9.41 0.42
C ARG A 111 38.43 -10.85 0.65
N ASP A 112 39.47 -11.09 1.45
CA ASP A 112 39.93 -12.43 1.75
C ASP A 112 40.15 -12.56 3.26
N ASP A 113 39.55 -13.58 3.85
CA ASP A 113 39.76 -13.92 5.26
C ASP A 113 39.06 -15.23 5.56
N ALA A 114 39.82 -16.20 6.07
CA ALA A 114 39.25 -17.48 6.47
C ALA A 114 38.60 -17.43 7.84
N ARG A 115 38.66 -16.30 8.54
CA ARG A 115 38.08 -16.13 9.87
C ARG A 115 36.86 -15.23 9.88
N THR A 116 36.90 -14.09 9.19
CA THR A 116 35.73 -13.21 9.13
C THR A 116 34.57 -13.88 8.41
N ARG A 117 34.82 -14.37 7.20
CA ARG A 117 33.84 -15.20 6.52
C ARG A 117 33.56 -16.51 7.23
N SER A 118 34.18 -16.76 8.38
CA SER A 118 33.93 -17.94 9.21
C SER A 118 33.15 -17.62 10.47
N VAL A 119 33.30 -16.42 11.03
CA VAL A 119 32.41 -15.98 12.08
C VAL A 119 31.11 -15.45 11.49
N LEU A 120 31.21 -14.53 10.54
CA LEU A 120 30.03 -14.03 9.83
C LEU A 120 29.22 -15.19 9.25
N TYR A 121 29.90 -16.16 8.65
CA TYR A 121 29.40 -17.52 8.44
C TYR A 121 28.44 -17.94 9.54
N THR A 122 29.01 -18.13 10.74
CA THR A 122 28.27 -18.78 11.82
C THR A 122 27.14 -17.89 12.35
N GLN A 123 27.40 -16.58 12.52
CA GLN A 123 26.35 -15.72 13.04
C GLN A 123 25.25 -15.49 12.01
N TYR A 124 25.57 -15.53 10.71
CA TYR A 124 24.51 -15.59 9.72
C TYR A 124 23.68 -16.85 9.91
N ILE A 125 24.32 -18.02 9.78
CA ILE A 125 23.59 -19.29 9.84
C ILE A 125 22.78 -19.39 11.12
N ASN A 126 23.37 -18.98 12.24
CA ASN A 126 22.68 -19.05 13.52
C ASN A 126 21.43 -18.18 13.51
N LEU A 127 21.52 -16.98 12.96
CA LEU A 127 20.38 -16.07 13.00
C LEU A 127 19.31 -16.48 12.01
N GLU A 128 19.70 -16.92 10.81
CA GLU A 128 18.74 -17.52 9.88
C GLU A 128 18.00 -18.66 10.57
N LEU A 129 18.75 -19.53 11.24
CA LEU A 129 18.12 -20.58 12.04
C LEU A 129 17.27 -19.97 13.17
N ASP A 130 17.78 -18.90 13.79
CA ASP A 130 17.06 -18.30 14.91
C ASP A 130 15.69 -17.79 14.49
N PHE A 131 15.60 -17.19 13.30
CA PHE A 131 14.31 -16.70 12.82
C PHE A 131 13.32 -17.84 12.60
N LEU A 132 13.81 -19.01 12.20
CA LEU A 132 12.92 -20.16 12.00
C LEU A 132 12.16 -20.48 13.28
N ASP A 133 12.89 -20.70 14.38
CA ASP A 133 12.23 -21.00 15.65
C ASP A 133 11.39 -19.81 16.12
N ALA A 134 11.88 -18.59 15.90
CA ALA A 134 11.20 -17.41 16.42
C ALA A 134 9.85 -17.17 15.76
N MET A 135 9.70 -17.53 14.49
CA MET A 135 8.49 -17.16 13.76
C MET A 135 7.21 -17.73 14.40
N PRO A 136 7.14 -18.99 14.81
CA PRO A 136 5.94 -19.44 15.53
C PRO A 136 5.71 -18.73 16.85
N LEU A 137 6.76 -18.17 17.47
CA LEU A 137 6.58 -17.45 18.72
C LEU A 137 5.63 -16.26 18.54
N PHE A 138 5.79 -15.52 17.44
CA PHE A 138 4.90 -14.42 17.12
C PHE A 138 3.66 -14.88 16.35
N ALA A 139 3.30 -16.16 16.44
CA ALA A 139 2.18 -16.72 15.70
C ALA A 139 1.37 -17.64 16.60
N ILE A 140 0.97 -17.13 17.76
CA ILE A 140 0.33 -17.94 18.78
C ILE A 140 -1.17 -18.07 18.49
N ARG A 141 -1.69 -19.27 18.70
CA ARG A 141 -3.11 -19.52 18.53
C ARG A 141 -3.93 -18.69 19.51
N ASN A 142 -5.03 -18.14 19.01
CA ASN A 142 -5.99 -17.27 19.70
C ASN A 142 -5.47 -15.85 19.87
N GLN A 143 -4.22 -15.57 19.52
CA GLN A 143 -3.71 -14.21 19.56
C GLN A 143 -2.86 -13.94 18.32
N GLU A 144 -3.35 -14.42 17.17
CA GLU A 144 -2.62 -14.23 15.91
C GLU A 144 -2.75 -12.78 15.43
N VAL A 145 -3.93 -12.19 15.57
CA VAL A 145 -4.21 -10.86 15.06
C VAL A 145 -3.45 -9.79 15.85
N PRO A 146 -3.47 -9.78 17.19
CA PRO A 146 -2.72 -8.73 17.91
C PRO A 146 -1.24 -8.72 17.56
N LEU A 147 -0.66 -9.87 17.24
CA LEU A 147 0.75 -9.98 16.90
C LEU A 147 1.02 -9.78 15.41
N LEU A 148 -0.01 -9.41 14.63
CA LEU A 148 0.11 -9.41 13.18
C LEU A 148 1.24 -8.51 12.70
N MET A 149 1.27 -7.26 13.19
CA MET A 149 2.35 -6.35 12.79
C MET A 149 3.69 -6.82 13.34
N VAL A 150 3.71 -7.24 14.61
CA VAL A 150 4.93 -7.85 15.18
C VAL A 150 5.39 -9.00 14.30
N TYR A 151 4.45 -9.87 13.93
CA TYR A 151 4.78 -11.02 13.08
C TYR A 151 5.26 -10.57 11.71
N ALA A 152 4.51 -9.68 11.06
CA ALA A 152 4.82 -9.31 9.68
C ALA A 152 6.19 -8.65 9.57
N GLN A 153 6.52 -7.76 10.50
CA GLN A 153 7.83 -7.10 10.46
C GLN A 153 8.95 -8.10 10.69
N ALA A 154 8.72 -9.10 11.55
CA ALA A 154 9.71 -10.15 11.74
C ALA A 154 9.83 -11.02 10.49
N ALA A 155 8.69 -11.37 9.88
CA ALA A 155 8.71 -12.19 8.67
C ALA A 155 9.55 -11.54 7.58
N ASN A 156 9.37 -10.24 7.37
CA ASN A 156 10.17 -9.52 6.39
C ASN A 156 11.65 -9.61 6.71
N LEU A 157 12.00 -9.45 7.99
CA LEU A 157 13.40 -9.52 8.41
C LEU A 157 14.03 -10.84 7.97
N HIS A 158 13.35 -11.95 8.23
CA HIS A 158 13.86 -13.27 7.85
C HIS A 158 14.02 -13.37 6.34
N LEU A 159 13.07 -12.80 5.58
CA LEU A 159 13.09 -12.95 4.14
C LEU A 159 14.20 -12.14 3.49
N LEU A 160 14.59 -11.02 4.10
CA LEU A 160 15.73 -10.25 3.59
C LEU A 160 17.02 -11.03 3.76
N LEU A 161 17.17 -11.74 4.88
CA LEU A 161 18.39 -12.48 5.15
C LEU A 161 18.55 -13.66 4.21
N LEU A 162 17.45 -14.34 3.89
CA LEU A 162 17.51 -15.40 2.90
C LEU A 162 17.87 -14.84 1.53
N ARG A 163 17.42 -13.62 1.23
CA ARG A 163 17.84 -12.96 0.00
C ARG A 163 19.34 -12.73 -0.02
N ASP A 164 19.94 -12.46 1.15
CA ASP A 164 21.38 -12.25 1.22
C ASP A 164 22.17 -13.53 0.98
N ALA A 165 21.57 -14.69 1.29
CA ALA A 165 22.21 -15.96 0.96
C ALA A 165 22.44 -16.06 -0.55
N SER A 166 21.38 -15.83 -1.33
CA SER A 166 21.51 -15.85 -2.78
C SER A 166 22.42 -14.73 -3.27
N LEU A 167 22.25 -13.53 -2.71
CA LEU A 167 22.96 -12.34 -3.18
C LEU A 167 24.47 -12.57 -3.19
N PHE A 168 25.06 -12.78 -1.99
CA PHE A 168 26.50 -12.88 -1.87
C PHE A 168 26.96 -13.94 -0.87
N GLY A 169 26.04 -14.74 -0.31
CA GLY A 169 26.44 -15.99 0.32
C GLY A 169 27.33 -16.84 -0.56
N SER A 170 27.19 -16.74 -1.89
CA SER A 170 28.10 -17.38 -2.84
C SER A 170 29.54 -16.98 -2.61
N GLU A 171 29.79 -15.85 -1.95
CA GLU A 171 31.13 -15.45 -1.56
C GLU A 171 31.44 -15.72 -0.09
N PHE A 172 30.41 -15.73 0.76
CA PHE A 172 30.50 -16.05 2.19
C PHE A 172 31.43 -17.22 2.48
N GLY A 173 31.48 -18.17 1.57
CA GLY A 173 31.90 -19.51 1.86
C GLY A 173 30.77 -20.52 1.78
N LEU A 174 29.70 -20.20 1.06
CA LEU A 174 28.58 -21.09 0.85
C LEU A 174 28.75 -21.84 -0.47
N THR A 175 28.30 -23.08 -0.49
CA THR A 175 28.32 -23.88 -1.70
C THR A 175 27.05 -23.63 -2.52
N SER A 176 27.13 -23.96 -3.81
CA SER A 176 25.99 -23.76 -4.70
C SER A 176 24.75 -24.49 -4.19
N GLN A 177 24.93 -25.70 -3.66
CA GLN A 177 23.80 -26.48 -3.19
C GLN A 177 23.16 -25.85 -1.96
N GLU A 178 23.97 -25.34 -1.03
CA GLU A 178 23.40 -24.73 0.17
C GLU A 178 22.73 -23.39 -0.14
N ILE A 179 23.26 -22.64 -1.10
CA ILE A 179 22.55 -21.46 -1.59
C ILE A 179 21.16 -21.86 -2.08
N GLN A 180 21.09 -22.94 -2.86
CA GLN A 180 19.81 -23.45 -3.33
C GLN A 180 18.91 -23.82 -2.16
N ARG A 181 19.43 -24.61 -1.22
CA ARG A 181 18.66 -24.97 -0.03
C ARG A 181 18.18 -23.72 0.70
N TYR A 182 19.01 -22.67 0.71
CA TYR A 182 18.60 -21.40 1.29
C TYR A 182 17.52 -20.74 0.45
N TYR A 183 17.66 -20.77 -0.87
CA TYR A 183 16.66 -20.16 -1.74
C TYR A 183 15.33 -20.88 -1.66
N GLU A 184 15.35 -22.19 -1.44
CA GLU A 184 14.10 -22.94 -1.44
C GLU A 184 13.22 -22.54 -0.26
N ARG A 185 13.84 -22.36 0.92
CA ARG A 185 13.11 -21.89 2.10
C ARG A 185 12.64 -20.46 1.93
N GLN A 186 13.43 -19.64 1.24
CA GLN A 186 12.97 -18.30 0.91
C GLN A 186 11.71 -18.35 0.06
N VAL A 187 11.66 -19.30 -0.89
CA VAL A 187 10.47 -19.46 -1.71
C VAL A 187 9.28 -19.86 -0.84
N GLU A 188 9.45 -20.91 -0.04
CA GLU A 188 8.32 -21.42 0.74
C GLU A 188 7.98 -20.48 1.89
N LYS A 189 8.98 -19.79 2.44
CA LYS A 189 8.67 -18.79 3.47
C LYS A 189 7.97 -17.58 2.86
N THR A 190 8.32 -17.20 1.63
CA THR A 190 7.57 -16.15 0.95
C THR A 190 6.12 -16.56 0.75
N ARG A 191 5.87 -17.83 0.45
CA ARG A 191 4.50 -18.31 0.35
C ARG A 191 3.83 -18.40 1.71
N GLU A 192 4.56 -18.88 2.71
CA GLU A 192 3.97 -19.07 4.04
C GLU A 192 3.66 -17.73 4.71
N TYR A 193 4.63 -16.82 4.72
CA TYR A 193 4.43 -15.53 5.39
C TYR A 193 3.39 -14.69 4.67
N SER A 194 3.29 -14.80 3.34
CA SER A 194 2.31 -14.01 2.61
C SER A 194 0.89 -14.54 2.83
N ASP A 195 0.75 -15.82 3.13
CA ASP A 195 -0.57 -16.37 3.39
C ASP A 195 -1.05 -16.02 4.81
N TYR A 196 -0.22 -16.29 5.81
CA TYR A 196 -0.58 -16.00 7.20
C TYR A 196 -1.06 -14.56 7.36
N CYS A 197 -0.27 -13.59 6.86
CA CYS A 197 -0.61 -12.20 7.06
C CYS A 197 -1.93 -11.84 6.38
N ALA A 198 -2.16 -12.35 5.17
CA ALA A 198 -3.37 -12.02 4.43
C ALA A 198 -4.61 -12.56 5.14
N ARG A 199 -4.61 -13.85 5.47
CA ARG A 199 -5.77 -14.44 6.13
C ARG A 199 -6.02 -13.81 7.49
N TRP A 200 -4.95 -13.56 8.26
CA TRP A 200 -5.11 -13.06 9.62
C TRP A 200 -5.42 -11.57 9.65
N TYR A 201 -4.91 -10.81 8.68
CA TYR A 201 -5.43 -9.46 8.47
C TYR A 201 -6.92 -9.51 8.15
N ASN A 202 -7.34 -10.52 7.37
CA ASN A 202 -8.73 -10.63 6.98
C ASN A 202 -9.61 -11.07 8.15
N THR A 203 -9.15 -12.08 8.91
CA THR A 203 -9.91 -12.52 10.07
C THR A 203 -10.03 -11.40 11.11
N GLY A 204 -8.93 -10.72 11.38
CA GLY A 204 -8.94 -9.58 12.29
C GLY A 204 -9.96 -8.55 11.85
N LEU A 205 -9.83 -8.09 10.60
CA LEU A 205 -10.81 -7.16 10.03
C LEU A 205 -12.23 -7.69 10.15
N ASN A 206 -12.41 -9.00 10.00
CA ASN A 206 -13.74 -9.59 9.99
C ASN A 206 -14.44 -9.44 11.33
N ASN A 207 -13.71 -9.63 12.44
CA ASN A 207 -14.35 -9.63 13.75
C ASN A 207 -14.88 -8.25 14.13
N LEU A 208 -14.24 -7.18 13.68
CA LEU A 208 -14.70 -5.83 13.98
C LEU A 208 -15.80 -5.34 13.05
N ARG A 209 -16.28 -6.18 12.14
CA ARG A 209 -17.51 -5.86 11.43
C ARG A 209 -18.60 -5.59 12.47
N GLY A 210 -19.19 -4.41 12.39
CA GLY A 210 -20.14 -4.00 13.40
C GLY A 210 -21.53 -3.76 12.86
N THR A 211 -22.34 -3.03 13.62
CA THR A 211 -23.70 -2.70 13.22
C THR A 211 -23.98 -1.21 13.21
N ASN A 212 -23.07 -0.38 13.72
CA ASN A 212 -23.30 1.06 13.81
C ASN A 212 -22.02 1.80 13.46
N ALA A 213 -22.15 3.13 13.40
CA ALA A 213 -21.07 3.96 12.87
C ALA A 213 -19.86 3.99 13.80
N GLU A 214 -20.09 4.01 15.12
CA GLU A 214 -18.97 4.02 16.06
C GLU A 214 -18.06 2.81 15.85
N SER A 215 -18.66 1.66 15.52
CA SER A 215 -17.86 0.47 15.22
C SER A 215 -17.18 0.57 13.87
N TRP A 216 -17.71 1.38 12.94
CA TRP A 216 -17.08 1.49 11.64
C TRP A 216 -15.76 2.26 11.71
N LEU A 217 -15.71 3.30 12.53
CA LEU A 217 -14.47 4.06 12.70
C LEU A 217 -13.37 3.15 13.23
N ARG A 218 -13.68 2.31 14.22
CA ARG A 218 -12.72 1.33 14.71
C ARG A 218 -12.39 0.33 13.61
N TYR A 219 -13.38 -0.09 12.84
CA TYR A 219 -13.17 -0.98 11.70
C TYR A 219 -12.19 -0.37 10.70
N ASN A 220 -12.49 0.84 10.24
CA ASN A 220 -11.65 1.49 9.23
C ASN A 220 -10.25 1.78 9.78
N GLN A 221 -10.16 2.17 11.05
CA GLN A 221 -8.86 2.42 11.67
C GLN A 221 -7.98 1.19 11.60
N PHE A 222 -8.54 0.03 11.95
CA PHE A 222 -7.81 -1.23 11.83
C PHE A 222 -7.35 -1.47 10.40
N ARG A 223 -8.21 -1.17 9.43
CA ARG A 223 -7.87 -1.39 8.03
C ARG A 223 -6.69 -0.52 7.60
N ARG A 224 -6.76 0.78 7.88
CA ARG A 224 -5.73 1.70 7.40
C ARG A 224 -4.40 1.45 8.07
N ASP A 225 -4.39 1.31 9.41
CA ASP A 225 -3.12 1.21 10.13
C ASP A 225 -2.38 -0.07 9.79
N LEU A 226 -3.07 -1.20 9.75
CA LEU A 226 -2.40 -2.46 9.43
C LEU A 226 -2.08 -2.61 7.95
N THR A 227 -2.79 -1.88 7.07
CA THR A 227 -2.39 -1.83 5.67
C THR A 227 -1.03 -1.14 5.52
N LEU A 228 -0.78 -0.13 6.35
CA LEU A 228 0.48 0.62 6.25
C LEU A 228 1.66 -0.22 6.69
N GLY A 229 1.53 -0.91 7.81
CA GLY A 229 2.63 -1.70 8.34
C GLY A 229 2.79 -3.05 7.67
N VAL A 230 1.70 -3.81 7.56
CA VAL A 230 1.77 -5.22 7.20
C VAL A 230 1.62 -5.41 5.69
N LEU A 231 0.49 -4.98 5.13
CA LEU A 231 0.17 -5.35 3.75
C LEU A 231 1.14 -4.72 2.76
N ASP A 232 1.56 -3.48 3.00
CA ASP A 232 2.51 -2.84 2.10
C ASP A 232 3.87 -3.51 2.15
N LEU A 233 4.22 -4.11 3.29
CA LEU A 233 5.46 -4.88 3.38
C LEU A 233 5.34 -6.22 2.67
N VAL A 234 4.21 -6.92 2.87
CA VAL A 234 4.01 -8.22 2.25
C VAL A 234 4.04 -8.11 0.73
N ALA A 235 3.50 -7.01 0.20
CA ALA A 235 3.46 -6.83 -1.25
C ALA A 235 4.85 -6.72 -1.86
N LEU A 236 5.87 -6.42 -1.06
CA LEU A 236 7.24 -6.36 -1.54
C LEU A 236 7.97 -7.69 -1.44
N PHE A 237 7.42 -8.65 -0.71
CA PHE A 237 8.05 -9.97 -0.56
C PHE A 237 8.36 -10.66 -1.88
N PRO A 238 7.45 -10.68 -2.88
CA PRO A 238 7.83 -11.31 -4.15
C PRO A 238 9.07 -10.70 -4.78
N SER A 239 9.25 -9.38 -4.64
CA SER A 239 10.36 -8.66 -5.23
C SER A 239 11.69 -8.88 -4.50
N TYR A 240 11.81 -9.83 -3.57
CA TYR A 240 13.11 -10.20 -3.02
C TYR A 240 13.77 -11.32 -3.81
N ASP A 241 13.00 -12.04 -4.62
CA ASP A 241 13.51 -13.21 -5.33
C ASP A 241 14.63 -12.83 -6.27
N THR A 242 15.82 -13.40 -6.03
CA THR A 242 17.00 -13.05 -6.81
C THR A 242 16.89 -13.56 -8.24
N ARG A 243 16.18 -14.67 -8.47
CA ARG A 243 16.11 -15.22 -9.82
C ARG A 243 15.02 -14.56 -10.67
N VAL A 244 13.90 -14.17 -10.06
CA VAL A 244 12.85 -13.49 -10.81
C VAL A 244 13.24 -12.05 -11.09
N TYR A 245 13.92 -11.41 -10.14
CA TYR A 245 14.38 -10.03 -10.28
C TYR A 245 15.90 -10.02 -10.12
N PRO A 246 16.63 -10.45 -11.16
CA PRO A 246 18.09 -10.55 -11.05
C PRO A 246 18.81 -9.21 -11.09
N MET A 247 18.08 -8.10 -11.20
CA MET A 247 18.68 -6.78 -11.26
C MET A 247 17.89 -5.89 -10.30
N ASN A 248 17.99 -4.57 -10.50
CA ASN A 248 17.12 -3.65 -9.79
C ASN A 248 15.71 -3.78 -10.34
N THR A 249 14.72 -3.68 -9.45
CA THR A 249 13.33 -3.73 -9.85
C THR A 249 12.55 -2.65 -9.12
N SER A 250 11.46 -2.21 -9.75
CA SER A 250 10.62 -1.13 -9.23
C SER A 250 9.21 -1.65 -9.01
N ALA A 251 8.60 -1.27 -7.89
CA ALA A 251 7.30 -1.78 -7.49
C ALA A 251 6.36 -0.63 -7.19
N GLN A 252 5.06 -0.90 -7.35
CA GLN A 252 3.99 0.06 -7.11
C GLN A 252 2.99 -0.53 -6.13
N LEU A 253 2.64 0.25 -5.11
CA LEU A 253 1.57 -0.10 -4.18
C LEU A 253 0.35 0.76 -4.53
N THR A 254 -0.76 0.11 -4.83
CA THR A 254 -1.85 0.76 -5.55
C THR A 254 -3.14 0.85 -4.75
N ARG A 255 -3.18 0.30 -3.54
CA ARG A 255 -4.39 0.30 -2.74
C ARG A 255 -4.75 1.72 -2.31
N GLU A 256 -6.03 1.94 -2.09
CA GLU A 256 -6.53 3.17 -1.49
C GLU A 256 -6.69 2.96 0.01
N ILE A 257 -6.29 3.95 0.79
CA ILE A 257 -6.53 3.94 2.22
C ILE A 257 -7.31 5.20 2.58
N TYR A 258 -8.12 5.08 3.63
CA TYR A 258 -9.11 6.10 3.98
C TYR A 258 -8.83 6.58 5.39
N THR A 259 -8.44 7.85 5.52
CA THR A 259 -8.29 8.43 6.85
C THR A 259 -9.66 8.63 7.50
N ASP A 260 -9.65 8.85 8.81
CA ASP A 260 -10.88 8.97 9.57
C ASP A 260 -11.77 10.07 8.99
N PRO A 261 -13.08 9.88 9.01
CA PRO A 261 -13.98 10.98 8.66
C PRO A 261 -13.84 12.13 9.64
N ILE A 262 -13.89 13.35 9.11
CA ILE A 262 -13.59 14.54 9.90
C ILE A 262 -14.84 14.89 10.70
N GLY A 263 -14.86 14.48 11.97
CA GLY A 263 -15.94 14.76 12.89
C GLY A 263 -15.39 14.92 14.29
N ARG A 264 -16.27 15.24 15.22
CA ARG A 264 -15.86 15.60 16.58
C ARG A 264 -15.42 14.35 17.36
N THR A 265 -14.82 14.61 18.54
CA THR A 265 -14.44 13.56 19.48
C THR A 265 -14.09 14.16 20.85
N ASN A 266 -15.09 14.62 21.61
CA ASN A 266 -14.88 15.06 22.98
C ASN A 266 -16.22 15.46 23.60
N ALA A 267 -16.24 15.46 24.93
CA ALA A 267 -17.36 15.97 25.73
C ALA A 267 -18.68 15.30 25.40
N SER A 273 -22.71 13.75 25.29
CA SER A 273 -21.55 13.42 24.47
C SER A 273 -22.00 12.83 23.12
N THR A 274 -22.30 13.71 22.16
CA THR A 274 -22.85 13.25 20.89
C THR A 274 -21.77 12.81 19.93
N ASN A 275 -20.75 13.64 19.70
CA ASN A 275 -19.71 13.41 18.70
C ASN A 275 -20.29 13.51 17.29
N TRP A 276 -19.81 12.69 16.34
CA TRP A 276 -20.32 12.74 14.98
C TRP A 276 -21.10 11.50 14.57
N PHE A 277 -20.95 10.37 15.25
CA PHE A 277 -21.73 9.18 14.90
C PHE A 277 -23.02 9.05 15.68
N ASN A 278 -23.10 9.64 16.89
CA ASN A 278 -24.36 9.67 17.60
C ASN A 278 -25.26 10.82 17.16
N ASN A 279 -24.71 11.79 16.43
CA ASN A 279 -25.52 12.81 15.76
C ASN A 279 -26.26 12.10 14.63
N ASN A 280 -27.25 11.31 15.02
CA ASN A 280 -28.08 10.51 14.14
C ASN A 280 -27.28 9.50 13.32
N ALA A 281 -27.15 9.75 12.03
CA ALA A 281 -27.30 8.71 11.02
C ALA A 281 -26.16 7.70 10.86
N PRO A 282 -25.85 7.29 9.61
CA PRO A 282 -26.12 5.89 9.22
C PRO A 282 -25.43 4.70 9.91
N SER A 283 -25.90 3.54 9.46
CA SER A 283 -25.46 2.24 9.96
C SER A 283 -24.05 1.92 9.47
N PHE A 284 -23.46 0.90 10.10
CA PHE A 284 -22.19 0.36 9.63
C PHE A 284 -22.28 -0.03 8.16
N SER A 285 -23.24 -0.91 7.84
CA SER A 285 -23.39 -1.38 6.47
C SER A 285 -23.63 -0.24 5.50
N ALA A 286 -24.32 0.82 5.95
CA ALA A 286 -24.56 1.96 5.07
C ALA A 286 -23.27 2.73 4.79
N ILE A 287 -22.50 3.01 5.83
CA ILE A 287 -21.27 3.80 5.67
C ILE A 287 -20.26 3.07 4.80
N GLU A 288 -20.10 1.76 5.04
CA GLU A 288 -19.08 1.00 4.31
C GLU A 288 -19.36 0.98 2.82
N ALA A 289 -20.62 0.83 2.43
CA ALA A 289 -20.99 0.88 1.01
C ALA A 289 -20.98 2.28 0.44
N ALA A 290 -21.08 3.30 1.29
CA ALA A 290 -21.21 4.67 0.81
C ALA A 290 -19.88 5.37 0.57
N VAL A 291 -18.85 5.05 1.36
CA VAL A 291 -17.57 5.74 1.26
C VAL A 291 -16.51 4.90 0.56
N ILE A 292 -16.51 3.59 0.78
CA ILE A 292 -15.47 2.75 0.17
C ILE A 292 -15.80 2.58 -1.30
N ARG A 293 -14.96 3.16 -2.16
CA ARG A 293 -15.10 2.94 -3.59
C ARG A 293 -14.97 1.45 -3.88
N PRO A 294 -15.90 0.86 -4.62
CA PRO A 294 -15.71 -0.51 -5.09
C PRO A 294 -14.45 -0.62 -5.92
N PRO A 295 -13.91 -1.82 -6.11
CA PRO A 295 -12.64 -1.95 -6.84
C PRO A 295 -12.72 -1.32 -8.22
N HIS A 296 -11.85 -0.35 -8.45
CA HIS A 296 -11.83 0.46 -9.66
C HIS A 296 -10.42 0.45 -10.23
N LEU A 297 -10.22 1.22 -11.28
CA LEU A 297 -8.88 1.52 -11.76
C LEU A 297 -8.41 2.82 -11.13
N LEU A 298 -7.12 2.88 -10.82
CA LEU A 298 -6.56 3.97 -10.04
C LEU A 298 -6.66 5.29 -10.80
N ASP A 299 -7.13 6.33 -10.12
CA ASP A 299 -7.22 7.66 -10.71
C ASP A 299 -6.69 8.70 -9.74
N PHE A 300 -6.26 9.83 -10.29
CA PHE A 300 -5.76 10.98 -9.57
C PHE A 300 -6.76 12.13 -9.65
N PRO A 301 -7.00 12.84 -8.55
CA PRO A 301 -8.02 13.90 -8.56
C PRO A 301 -7.59 15.06 -9.44
N GLU A 302 -8.59 15.80 -9.93
CA GLU A 302 -8.34 16.86 -10.89
C GLU A 302 -8.87 18.21 -10.40
N GLN A 303 -10.18 18.40 -10.46
CA GLN A 303 -10.82 19.63 -10.00
C GLN A 303 -11.84 19.29 -8.92
N LEU A 304 -11.75 19.98 -7.79
CA LEU A 304 -12.62 19.75 -6.66
C LEU A 304 -13.45 21.00 -6.42
N THR A 305 -14.76 20.83 -6.25
CA THR A 305 -15.68 21.95 -6.07
C THR A 305 -16.51 21.71 -4.82
N ILE A 306 -16.36 22.58 -3.82
CA ILE A 306 -17.03 22.43 -2.53
C ILE A 306 -18.28 23.31 -2.48
N PHE A 307 -19.38 22.75 -2.00
CA PHE A 307 -20.60 23.48 -1.71
C PHE A 307 -20.79 23.57 -0.20
N SER A 308 -21.35 24.69 0.25
CA SER A 308 -21.49 24.97 1.67
C SER A 308 -22.90 25.41 2.01
N VAL A 309 -23.29 25.18 3.27
CA VAL A 309 -24.54 25.69 3.82
C VAL A 309 -24.23 26.40 5.13
N LEU A 310 -24.99 27.45 5.39
CA LEU A 310 -24.84 28.25 6.59
C LEU A 310 -25.85 27.79 7.64
N SER A 311 -25.37 27.63 8.87
CA SER A 311 -26.21 27.18 9.99
C SER A 311 -25.84 28.00 11.21
N ARG A 312 -26.67 28.98 11.54
CA ARG A 312 -26.43 29.85 12.69
C ARG A 312 -27.52 29.68 13.74
N TRP A 313 -27.21 30.17 14.93
CA TRP A 313 -28.22 30.41 15.96
C TRP A 313 -28.38 31.89 16.29
N SER A 314 -27.41 32.71 15.95
CA SER A 314 -27.46 34.15 16.17
C SER A 314 -26.36 34.86 15.39
N ASN A 315 -26.00 36.06 15.82
CA ASN A 315 -24.91 36.79 15.19
C ASN A 315 -23.53 36.33 15.66
N THR A 316 -23.46 35.63 16.79
CA THR A 316 -22.19 35.24 17.38
C THR A 316 -21.84 33.77 17.21
N GLN A 317 -22.76 32.96 16.64
CA GLN A 317 -22.62 31.49 16.58
C GLN A 317 -23.15 30.99 15.24
N TYR A 318 -22.34 31.16 14.19
CA TYR A 318 -22.65 30.59 12.89
C TYR A 318 -21.42 29.89 12.32
N MET A 319 -21.64 29.14 11.24
CA MET A 319 -20.56 28.51 10.50
C MET A 319 -21.08 27.93 9.18
N ASN A 320 -20.46 28.30 8.04
CA ASN A 320 -20.85 27.73 6.74
C ASN A 320 -20.02 26.47 6.52
N TYR A 321 -20.66 25.31 6.63
CA TYR A 321 -19.94 24.04 6.63
C TYR A 321 -20.08 23.31 5.30
N TRP A 322 -19.30 22.24 5.18
CA TRP A 322 -19.15 21.49 3.93
C TRP A 322 -20.34 20.55 3.75
N VAL A 323 -21.10 20.75 2.67
CA VAL A 323 -22.31 19.98 2.43
C VAL A 323 -22.18 19.00 1.26
N GLY A 324 -21.39 19.34 0.25
CA GLY A 324 -21.26 18.48 -0.92
C GLY A 324 -20.05 18.91 -1.70
N HIS A 325 -19.58 18.00 -2.56
CA HIS A 325 -18.46 18.31 -3.41
C HIS A 325 -18.63 17.57 -4.74
N ARG A 326 -17.90 18.04 -5.73
CA ARG A 326 -17.89 17.45 -7.06
C ARG A 326 -16.43 17.32 -7.48
N LEU A 327 -15.94 16.09 -7.59
CA LEU A 327 -14.52 15.84 -7.82
C LEU A 327 -14.31 15.16 -9.16
N GLU A 328 -13.39 15.70 -9.95
CA GLU A 328 -12.99 15.09 -11.21
C GLU A 328 -11.80 14.17 -10.98
N SER A 329 -11.82 13.01 -11.62
CA SER A 329 -10.78 12.01 -11.45
C SER A 329 -10.46 11.38 -12.79
N ARG A 330 -9.17 11.28 -13.09
CA ARG A 330 -8.72 10.76 -14.37
C ARG A 330 -7.77 9.59 -14.14
N THR A 331 -7.99 8.50 -14.88
CA THR A 331 -7.00 7.44 -14.95
C THR A 331 -5.81 7.92 -15.78
N ILE A 332 -4.83 7.06 -15.97
CA ILE A 332 -3.62 7.46 -16.70
C ILE A 332 -3.96 7.46 -18.19
N ARG A 333 -3.95 8.66 -18.79
CA ARG A 333 -4.55 8.89 -20.10
C ARG A 333 -5.99 8.34 -20.11
N GLY A 334 -6.78 8.81 -19.15
CA GLY A 334 -8.16 8.37 -19.13
C GLY A 334 -9.13 9.47 -19.52
N SER A 335 -10.35 9.13 -19.91
CA SER A 335 -11.39 10.13 -20.05
C SER A 335 -11.85 10.62 -18.68
N LEU A 336 -12.29 11.88 -18.60
CA LEU A 336 -12.64 12.47 -17.31
C LEU A 336 -13.87 11.82 -16.70
N SER A 337 -13.77 11.51 -15.42
CA SER A 337 -14.90 11.07 -14.61
C SER A 337 -15.16 12.11 -13.52
N THR A 338 -16.43 12.35 -13.23
CA THR A 338 -16.83 13.27 -12.18
C THR A 338 -17.89 12.60 -11.31
N SER A 339 -17.63 12.53 -10.02
CA SER A 339 -18.57 12.00 -9.04
C SER A 339 -19.16 13.14 -8.24
N THR A 340 -20.36 12.92 -7.70
CA THR A 340 -21.06 13.94 -6.92
C THR A 340 -21.55 13.32 -5.61
N HIS A 341 -21.35 14.06 -4.51
CA HIS A 341 -21.76 13.64 -3.19
C HIS A 341 -22.46 14.81 -2.49
N GLY A 342 -23.36 14.48 -1.56
CA GLY A 342 -23.96 15.48 -0.70
C GLY A 342 -24.97 16.38 -1.40
N ASN A 343 -24.98 17.64 -0.98
CA ASN A 343 -25.90 18.66 -1.50
C ASN A 343 -25.17 19.57 -2.48
N THR A 344 -25.96 20.26 -3.32
CA THR A 344 -25.37 21.11 -4.35
C THR A 344 -26.11 22.43 -4.55
N ASN A 345 -27.09 22.79 -3.72
CA ASN A 345 -27.77 24.06 -3.90
C ASN A 345 -26.81 25.21 -3.65
N THR A 346 -26.83 26.20 -4.55
CA THR A 346 -25.78 27.20 -4.59
C THR A 346 -26.31 28.61 -4.29
N SER A 347 -27.12 28.76 -3.24
CA SER A 347 -27.39 30.08 -2.70
C SER A 347 -26.10 30.70 -2.18
N ILE A 348 -25.41 29.99 -1.28
CA ILE A 348 -24.01 30.28 -1.00
C ILE A 348 -23.18 29.93 -2.23
N ASN A 349 -22.09 30.68 -2.42
CA ASN A 349 -21.19 30.42 -3.54
C ASN A 349 -20.57 29.04 -3.43
N PRO A 350 -20.13 28.48 -4.56
CA PRO A 350 -19.32 27.25 -4.52
C PRO A 350 -17.85 27.52 -4.84
N VAL A 351 -16.95 27.00 -4.03
CA VAL A 351 -15.51 27.22 -4.21
C VAL A 351 -14.90 26.00 -4.90
N THR A 352 -14.03 26.24 -5.87
CA THR A 352 -13.41 25.19 -6.66
C THR A 352 -11.90 25.26 -6.53
N LEU A 353 -11.28 24.13 -6.19
CA LEU A 353 -9.84 24.01 -6.02
C LEU A 353 -9.29 23.12 -7.14
N GLN A 354 -8.02 23.34 -7.48
CA GLN A 354 -7.39 22.71 -8.64
C GLN A 354 -6.29 21.75 -8.18
N PHE A 355 -6.50 20.45 -8.41
CA PHE A 355 -5.58 19.42 -7.96
C PHE A 355 -4.85 18.70 -9.08
N THR A 356 -5.17 18.99 -10.35
CA THR A 356 -4.64 18.23 -11.48
C THR A 356 -3.12 18.20 -11.47
N SER A 357 -2.55 16.99 -11.50
CA SER A 357 -1.10 16.76 -11.54
C SER A 357 -0.38 17.34 -10.34
N ARG A 358 -1.10 17.59 -9.25
CA ARG A 358 -0.53 18.16 -8.03
C ARG A 358 -0.79 17.21 -6.87
N ASP A 359 0.29 16.83 -6.19
CA ASP A 359 0.22 15.84 -5.11
C ASP A 359 -0.26 16.51 -3.83
N VAL A 360 -1.55 16.38 -3.53
CA VAL A 360 -2.06 16.84 -2.24
C VAL A 360 -1.54 15.89 -1.17
N TYR A 361 -0.43 16.27 -0.55
CA TYR A 361 0.26 15.41 0.40
C TYR A 361 -0.17 15.63 1.84
N ARG A 362 -0.69 16.81 2.16
CA ARG A 362 -1.05 17.14 3.53
C ARG A 362 -2.35 17.94 3.54
N THR A 363 -3.32 17.48 4.32
CA THR A 363 -4.57 18.19 4.51
C THR A 363 -4.75 18.47 6.00
N GLU A 364 -4.96 19.74 6.34
CA GLU A 364 -5.31 20.16 7.68
C GLU A 364 -6.79 20.55 7.68
N SER A 365 -7.61 19.80 8.40
CA SER A 365 -9.05 19.95 8.36
C SER A 365 -9.60 20.21 9.76
N PHE A 366 -10.65 21.02 9.82
CA PHE A 366 -11.27 21.42 11.08
C PHE A 366 -12.70 20.90 11.11
N ALA A 367 -13.03 20.11 12.13
CA ALA A 367 -14.37 19.59 12.32
C ALA A 367 -15.14 20.55 13.22
N GLY A 368 -16.15 21.21 12.66
CA GLY A 368 -16.95 22.17 13.39
C GLY A 368 -18.22 21.54 13.95
N ILE A 369 -18.65 22.05 15.11
CA ILE A 369 -19.89 21.61 15.73
C ILE A 369 -20.66 22.82 16.23
N ASN A 370 -21.84 23.04 15.67
CA ASN A 370 -22.79 24.04 16.15
C ASN A 370 -23.97 23.32 16.80
N ILE A 371 -24.58 23.98 17.77
CA ILE A 371 -25.62 23.37 18.59
C ILE A 371 -26.89 24.22 18.53
N LEU A 372 -28.03 23.54 18.45
CA LEU A 372 -29.34 24.14 18.61
C LEU A 372 -29.89 23.72 19.98
N LEU A 373 -31.21 23.71 20.12
CA LEU A 373 -31.82 23.38 21.42
C LEU A 373 -31.38 22.01 21.90
N THR A 374 -31.73 20.96 21.18
CA THR A 374 -31.17 19.64 21.43
C THR A 374 -30.36 19.11 20.25
N THR A 375 -30.59 19.62 19.04
CA THR A 375 -30.05 19.03 17.83
C THR A 375 -28.73 19.71 17.46
N PRO A 376 -27.59 19.02 17.53
CA PRO A 376 -26.33 19.58 17.07
C PRO A 376 -26.01 19.21 15.63
N VAL A 377 -25.24 20.08 14.98
CA VAL A 377 -24.87 19.93 13.56
C VAL A 377 -23.35 19.80 13.46
N ASN A 378 -22.88 18.76 12.76
CA ASN A 378 -21.45 18.58 12.51
C ASN A 378 -21.14 18.87 11.05
N GLY A 379 -20.17 19.74 10.82
CA GLY A 379 -19.74 20.08 9.47
C GLY A 379 -18.30 20.54 9.47
N VAL A 380 -17.79 20.82 8.27
CA VAL A 380 -16.41 21.26 8.12
C VAL A 380 -16.39 22.67 7.53
N PRO A 381 -16.02 23.69 8.32
CA PRO A 381 -15.95 25.06 7.79
C PRO A 381 -14.55 25.52 7.40
N TRP A 382 -13.56 24.63 7.34
CA TRP A 382 -12.19 25.00 7.03
C TRP A 382 -11.36 23.77 6.69
N ALA A 383 -10.75 23.76 5.51
CA ALA A 383 -9.92 22.63 5.08
C ALA A 383 -8.88 23.13 4.09
N ARG A 384 -7.61 23.02 4.46
CA ARG A 384 -6.51 23.48 3.63
C ARG A 384 -5.78 22.29 3.03
N PHE A 385 -5.49 22.37 1.74
CA PHE A 385 -4.87 21.28 0.99
C PHE A 385 -3.48 21.73 0.56
N ASN A 386 -2.45 21.23 1.25
CA ASN A 386 -1.07 21.48 0.87
C ASN A 386 -0.69 20.56 -0.28
N TRP A 387 -0.13 21.13 -1.35
CA TRP A 387 0.16 20.36 -2.55
C TRP A 387 1.58 20.63 -3.03
N ARG A 388 2.16 19.62 -3.67
CA ARG A 388 3.46 19.71 -4.31
C ARG A 388 3.36 19.16 -5.72
N ASN A 389 4.10 19.77 -6.65
CA ASN A 389 4.17 19.26 -8.01
C ASN A 389 5.35 18.29 -8.11
N PRO A 390 5.12 16.99 -8.29
CA PRO A 390 6.24 16.04 -8.21
C PRO A 390 7.27 16.18 -9.31
N LEU A 391 6.95 16.87 -10.42
CA LEU A 391 7.89 16.97 -11.53
C LEU A 391 8.82 18.17 -11.41
N ASN A 392 8.40 19.24 -10.71
CA ASN A 392 9.21 20.45 -10.74
C ASN A 392 9.07 21.40 -9.55
N SER A 393 9.01 20.88 -8.32
CA SER A 393 9.27 21.67 -7.11
C SER A 393 8.41 22.93 -7.04
N LEU A 394 7.11 22.77 -7.26
CA LEU A 394 6.15 23.84 -7.04
C LEU A 394 5.24 23.41 -5.90
N ARG A 395 5.17 24.23 -4.85
CA ARG A 395 4.30 23.95 -3.72
C ARG A 395 3.11 24.90 -3.73
N GLY A 396 2.28 24.77 -2.71
CA GLY A 396 1.13 25.65 -2.56
C GLY A 396 0.08 25.11 -1.61
N SER A 397 -0.62 26.02 -0.96
CA SER A 397 -1.83 25.69 -0.21
C SER A 397 -3.04 26.03 -1.07
N LEU A 398 -4.14 25.31 -0.82
CA LEU A 398 -5.42 25.62 -1.41
C LEU A 398 -6.46 25.57 -0.31
N LEU A 399 -7.11 26.71 -0.05
CA LEU A 399 -7.92 26.91 1.14
C LEU A 399 -9.40 26.90 0.80
N TYR A 400 -10.19 26.29 1.68
CA TYR A 400 -11.64 26.38 1.64
C TYR A 400 -12.13 26.86 3.00
N THR A 401 -13.00 27.88 2.99
CA THR A 401 -13.67 28.41 4.16
C THR A 401 -14.61 29.51 3.70
N ILE A 402 -15.56 29.87 4.55
CA ILE A 402 -16.46 30.97 4.27
C ILE A 402 -16.48 31.91 5.47
N GLY A 403 -16.71 31.35 6.66
CA GLY A 403 -16.78 32.14 7.87
C GLY A 403 -17.42 31.38 9.00
N TYR A 404 -16.91 31.54 10.22
CA TYR A 404 -17.46 30.81 11.35
C TYR A 404 -17.02 31.47 12.64
N THR A 405 -17.87 31.35 13.66
CA THR A 405 -17.56 31.88 14.98
C THR A 405 -18.51 31.27 15.98
N GLY A 406 -18.03 31.11 17.22
CA GLY A 406 -18.84 30.59 18.31
C GLY A 406 -19.16 29.12 18.22
N VAL A 407 -18.46 28.36 17.37
CA VAL A 407 -18.72 26.95 17.18
C VAL A 407 -17.51 26.14 17.64
N GLY A 408 -17.78 24.89 18.01
CA GLY A 408 -16.70 24.00 18.40
C GLY A 408 -15.83 23.60 17.23
N THR A 409 -14.57 23.31 17.51
CA THR A 409 -13.57 23.11 16.48
C THR A 409 -12.60 22.02 16.90
N GLN A 410 -12.33 21.07 16.01
CA GLN A 410 -11.40 19.98 16.28
C GLN A 410 -10.57 19.71 15.04
N LEU A 411 -9.25 19.83 15.17
CA LEU A 411 -8.34 19.77 14.03
C LEU A 411 -8.15 18.34 13.55
N PHE A 412 -7.94 18.20 12.24
CA PHE A 412 -7.60 16.92 11.61
C PHE A 412 -6.39 17.14 10.71
N ASP A 413 -5.20 16.84 11.23
CA ASP A 413 -3.99 16.83 10.42
C ASP A 413 -3.81 15.45 9.80
N SER A 414 -3.65 15.42 8.48
CA SER A 414 -3.49 14.16 7.78
C SER A 414 -2.23 13.43 8.23
N GLU A 415 -1.20 14.17 8.63
CA GLU A 415 0.06 13.55 9.04
C GLU A 415 -0.03 12.90 10.40
N THR A 416 -1.06 13.20 11.18
CA THR A 416 -1.36 12.38 12.36
C THR A 416 -1.61 10.94 11.94
N GLU A 417 -2.26 10.74 10.80
CA GLU A 417 -2.61 9.41 10.30
C GLU A 417 -1.68 8.93 9.19
N LEU A 418 -1.16 9.84 8.37
CA LEU A 418 -0.41 9.49 7.17
C LEU A 418 0.91 10.25 7.11
N PRO A 419 1.82 9.98 8.06
CA PRO A 419 3.00 10.82 8.19
C PRO A 419 3.95 10.62 7.02
N PRO A 420 4.70 11.66 6.65
CA PRO A 420 5.81 11.45 5.72
C PRO A 420 6.85 10.55 6.37
N GLU A 421 7.62 9.85 5.55
CA GLU A 421 8.66 9.02 6.12
C GLU A 421 9.77 9.90 6.70
N THR A 422 10.36 9.43 7.80
CA THR A 422 11.37 10.20 8.52
C THR A 422 12.58 10.44 7.61
N THR A 423 12.82 11.70 7.25
CA THR A 423 13.88 12.05 6.31
C THR A 423 14.62 13.29 6.80
N GLU A 424 15.64 13.65 6.04
CA GLU A 424 16.40 14.87 6.24
C GLU A 424 15.87 16.02 5.38
N ARG A 425 14.67 15.86 4.82
CA ARG A 425 14.03 16.86 3.96
C ARG A 425 12.65 17.21 4.54
N PRO A 426 12.03 18.30 4.09
CA PRO A 426 10.70 18.65 4.59
C PRO A 426 9.61 17.76 4.00
N ASN A 427 8.39 17.96 4.51
CA ASN A 427 7.28 17.06 4.21
C ASN A 427 6.87 17.12 2.73
N TYR A 428 6.96 18.29 2.10
CA TYR A 428 6.56 18.40 0.70
C TYR A 428 7.57 17.78 -0.25
N GLU A 429 8.68 17.23 0.27
CA GLU A 429 9.58 16.39 -0.52
C GLU A 429 9.62 14.95 -0.06
N SER A 430 9.19 14.68 1.18
CA SER A 430 9.34 13.37 1.79
C SER A 430 8.01 12.68 2.04
N TYR A 431 6.90 13.25 1.59
CA TYR A 431 5.60 12.67 1.85
C TYR A 431 5.49 11.27 1.25
N SER A 432 4.59 10.48 1.81
CA SER A 432 4.40 9.11 1.39
C SER A 432 3.06 8.85 0.71
N HIS A 433 2.12 9.79 0.77
CA HIS A 433 0.79 9.58 0.23
C HIS A 433 0.27 10.85 -0.43
N ARG A 434 -0.64 10.66 -1.38
CA ARG A 434 -1.36 11.74 -2.05
C ARG A 434 -2.84 11.62 -1.75
N LEU A 435 -3.53 12.75 -1.75
CA LEU A 435 -4.98 12.71 -1.80
C LEU A 435 -5.42 12.20 -3.16
N SER A 436 -6.41 11.31 -3.16
CA SER A 436 -6.84 10.69 -4.40
C SER A 436 -8.35 10.85 -4.60
N ASN A 437 -9.10 10.79 -3.50
CA ASN A 437 -10.54 10.90 -3.58
C ASN A 437 -11.09 11.41 -2.26
N ILE A 438 -12.17 12.18 -2.35
CA ILE A 438 -12.90 12.67 -1.19
C ILE A 438 -14.31 12.12 -1.27
N ARG A 439 -14.65 11.18 -0.39
CA ARG A 439 -16.04 10.80 -0.21
C ARG A 439 -16.65 11.62 0.93
N LEU A 440 -17.97 11.48 1.10
CA LEU A 440 -18.72 12.28 2.08
C LEU A 440 -19.75 11.39 2.77
N ILE A 441 -19.70 11.38 4.10
CA ILE A 441 -20.74 10.74 4.91
C ILE A 441 -21.83 11.76 5.19
N SER A 442 -23.04 11.47 4.72
CA SER A 442 -24.17 12.36 4.91
C SER A 442 -25.23 11.72 5.79
N GLY A 443 -26.01 12.59 6.42
CA GLY A 443 -27.15 12.20 7.20
C GLY A 443 -28.02 13.43 7.40
N ASN A 444 -29.02 13.28 8.26
CA ASN A 444 -29.80 14.43 8.70
C ASN A 444 -28.97 15.19 9.71
N THR A 445 -28.47 16.36 9.29
CA THR A 445 -27.77 17.26 10.18
C THR A 445 -26.43 16.61 10.58
N LEU A 446 -25.67 16.29 9.53
CA LEU A 446 -24.34 15.70 9.67
C LEU A 446 -23.62 15.64 8.32
N ARG A 447 -22.37 16.10 8.31
CA ARG A 447 -21.51 16.06 7.13
C ARG A 447 -20.11 15.70 7.60
N ALA A 448 -19.57 14.60 7.06
CA ALA A 448 -18.28 14.07 7.48
C ALA A 448 -17.49 13.64 6.26
N PRO A 449 -16.68 14.53 5.69
CA PRO A 449 -15.82 14.14 4.56
C PRO A 449 -14.83 13.07 4.96
N VAL A 450 -14.47 12.24 3.99
CA VAL A 450 -13.49 11.16 4.17
C VAL A 450 -12.51 11.22 3.02
N TYR A 451 -11.23 11.40 3.34
CA TYR A 451 -10.18 11.48 2.32
C TYR A 451 -9.62 10.09 2.06
N SER A 452 -9.67 9.65 0.81
CA SER A 452 -9.01 8.42 0.37
C SER A 452 -7.68 8.79 -0.26
N TRP A 453 -6.63 8.03 0.07
CA TRP A 453 -5.28 8.35 -0.35
C TRP A 453 -4.67 7.16 -1.10
N THR A 454 -3.71 7.48 -1.96
CA THR A 454 -2.95 6.47 -2.69
C THR A 454 -1.47 6.64 -2.38
N HIS A 455 -0.75 5.52 -2.34
CA HIS A 455 0.64 5.55 -1.91
C HIS A 455 1.52 6.23 -2.95
N ARG A 456 2.59 6.86 -2.47
CA ARG A 456 3.50 7.61 -3.33
C ARG A 456 4.08 6.74 -4.43
N SER A 457 4.41 5.48 -4.10
CA SER A 457 5.11 4.62 -5.06
C SER A 457 4.30 4.39 -6.32
N ALA A 458 2.98 4.47 -6.23
CA ALA A 458 2.13 4.43 -7.42
C ALA A 458 2.26 5.78 -8.14
N ASP A 459 2.83 5.77 -9.33
CA ASP A 459 3.17 7.01 -10.03
C ASP A 459 2.07 7.41 -11.00
N ARG A 460 2.20 8.63 -11.54
CA ARG A 460 1.20 9.20 -12.41
C ARG A 460 1.39 8.87 -13.88
N THR A 461 2.59 8.43 -14.28
CA THR A 461 2.92 8.27 -15.68
C THR A 461 3.23 6.83 -16.10
N ASN A 462 3.32 5.90 -15.15
CA ASN A 462 3.75 4.53 -15.45
C ASN A 462 5.09 4.51 -16.18
N THR A 463 6.05 5.25 -15.62
CA THR A 463 7.35 5.41 -16.25
C THR A 463 8.08 4.08 -16.31
N ILE A 464 8.69 3.80 -17.46
CA ILE A 464 9.40 2.55 -17.71
C ILE A 464 10.89 2.86 -17.84
N SER A 465 11.68 2.30 -16.93
CA SER A 465 13.10 2.59 -16.86
C SER A 465 13.89 1.71 -17.82
N SER A 466 15.10 2.17 -18.14
CA SER A 466 15.98 1.46 -19.06
C SER A 466 16.84 0.41 -18.39
N ASP A 467 17.08 0.53 -17.07
CA ASP A 467 18.02 -0.36 -16.39
C ASP A 467 17.43 -0.95 -15.11
N SER A 468 16.11 -1.11 -15.04
CA SER A 468 15.48 -1.79 -13.92
C SER A 468 14.20 -2.44 -14.41
N ILE A 469 13.68 -3.36 -13.59
CA ILE A 469 12.47 -4.09 -13.92
C ILE A 469 11.27 -3.31 -13.40
N THR A 470 10.43 -2.84 -14.31
CA THR A 470 9.30 -1.98 -13.97
C THR A 470 8.05 -2.83 -13.80
N GLN A 471 7.54 -2.88 -12.56
CA GLN A 471 6.25 -3.50 -12.29
C GLN A 471 5.15 -2.46 -12.50
N ILE A 472 4.25 -2.74 -13.43
CA ILE A 472 3.06 -1.91 -13.61
C ILE A 472 1.84 -2.78 -13.28
N PRO A 473 1.20 -2.59 -12.13
CA PRO A 473 -0.05 -3.30 -11.86
C PRO A 473 -1.08 -3.00 -12.93
N LEU A 474 -1.87 -4.03 -13.27
CA LEU A 474 -2.96 -3.84 -14.22
C LEU A 474 -4.00 -2.85 -13.70
N VAL A 475 -4.02 -2.60 -12.39
CA VAL A 475 -4.87 -1.57 -11.82
C VAL A 475 -4.45 -0.17 -12.24
N LYS A 476 -3.24 -0.01 -12.79
CA LYS A 476 -2.78 1.27 -13.31
C LYS A 476 -3.20 1.48 -14.77
N ALA A 477 -4.15 0.68 -15.26
CA ALA A 477 -4.63 0.82 -16.63
C ALA A 477 -5.69 1.92 -16.70
N HIS A 478 -6.21 2.16 -17.90
CA HIS A 478 -7.25 3.16 -18.10
C HIS A 478 -8.57 2.61 -18.62
N THR A 479 -8.57 1.45 -19.26
CA THR A 479 -9.78 0.92 -19.87
C THR A 479 -9.88 -0.58 -19.64
N LEU A 480 -11.08 -1.03 -19.28
CA LEU A 480 -11.37 -2.45 -19.09
C LEU A 480 -12.05 -3.00 -20.33
N GLN A 481 -11.71 -4.23 -20.68
CA GLN A 481 -12.44 -4.88 -21.76
C GLN A 481 -13.84 -5.25 -21.28
N SER A 482 -14.68 -5.67 -22.22
CA SER A 482 -16.13 -5.78 -22.00
C SER A 482 -16.52 -6.86 -20.99
N GLY A 483 -15.54 -7.57 -20.43
CA GLY A 483 -15.84 -8.63 -19.48
C GLY A 483 -14.90 -8.67 -18.30
N THR A 484 -14.03 -7.68 -18.18
CA THR A 484 -13.01 -7.67 -17.12
C THR A 484 -13.52 -6.89 -15.92
N THR A 485 -13.64 -7.56 -14.79
CA THR A 485 -13.96 -6.91 -13.52
C THR A 485 -12.68 -6.73 -12.72
N VAL A 486 -12.59 -5.60 -12.01
CA VAL A 486 -11.56 -5.41 -11.00
C VAL A 486 -12.13 -5.94 -9.70
N VAL A 487 -11.57 -7.04 -9.21
CA VAL A 487 -12.03 -7.66 -7.97
C VAL A 487 -11.05 -7.29 -6.85
N LYS A 488 -11.53 -7.39 -5.62
CA LYS A 488 -10.76 -6.92 -4.48
C LYS A 488 -9.56 -7.83 -4.22
N GLY A 489 -8.43 -7.22 -3.86
CA GLY A 489 -7.18 -7.91 -3.72
C GLY A 489 -7.17 -8.94 -2.60
N PRO A 490 -6.36 -9.99 -2.76
CA PRO A 490 -6.28 -11.02 -1.71
C PRO A 490 -5.62 -10.53 -0.44
N GLY A 491 -4.79 -9.49 -0.52
CA GLY A 491 -4.11 -8.97 0.64
C GLY A 491 -2.61 -8.79 0.42
N PHE A 492 -2.01 -9.72 -0.32
CA PHE A 492 -0.56 -9.83 -0.42
C PHE A 492 0.01 -9.32 -1.74
N THR A 493 -0.77 -8.56 -2.51
CA THR A 493 -0.31 -8.05 -3.79
C THR A 493 -0.02 -6.56 -3.81
N GLY A 494 -0.65 -5.79 -2.93
CA GLY A 494 -0.48 -4.35 -2.91
C GLY A 494 -1.67 -3.57 -3.40
N GLY A 495 -2.66 -4.24 -3.97
CA GLY A 495 -3.85 -3.57 -4.45
C GLY A 495 -4.85 -4.59 -4.96
N ASP A 496 -5.89 -4.10 -5.61
CA ASP A 496 -6.91 -4.97 -6.15
C ASP A 496 -6.42 -5.58 -7.47
N ILE A 497 -7.27 -6.34 -8.14
CA ILE A 497 -6.82 -7.26 -9.18
C ILE A 497 -7.93 -7.46 -10.20
N LEU A 498 -7.55 -7.86 -11.41
CA LEU A 498 -8.45 -7.93 -12.55
C LEU A 498 -8.69 -9.38 -12.95
N ARG A 499 -9.92 -9.70 -13.33
CA ARG A 499 -10.33 -11.08 -13.53
C ARG A 499 -11.21 -11.18 -14.77
N ARG A 500 -10.77 -11.98 -15.73
CA ARG A 500 -11.60 -12.36 -16.87
C ARG A 500 -12.13 -13.77 -16.66
N THR A 501 -13.30 -14.04 -17.23
CA THR A 501 -13.91 -15.36 -17.17
C THR A 501 -14.00 -15.99 -18.55
N SER A 502 -13.43 -15.34 -19.57
CA SER A 502 -13.35 -15.87 -20.92
C SER A 502 -12.23 -15.15 -21.63
N GLY A 503 -11.81 -15.72 -22.76
CA GLY A 503 -10.67 -15.19 -23.48
C GLY A 503 -10.89 -13.78 -23.97
N GLY A 504 -9.78 -13.06 -24.15
CA GLY A 504 -9.81 -11.70 -24.63
C GLY A 504 -8.81 -10.81 -23.90
N PRO A 505 -8.75 -9.54 -24.28
CA PRO A 505 -7.87 -8.61 -23.57
C PRO A 505 -8.38 -8.30 -22.18
N PHE A 506 -7.45 -7.96 -21.29
CA PHE A 506 -7.82 -7.63 -19.91
C PHE A 506 -8.08 -6.13 -19.77
N ALA A 507 -7.02 -5.33 -19.89
CA ALA A 507 -7.14 -3.88 -19.76
C ALA A 507 -6.14 -3.20 -20.68
N PHE A 508 -6.31 -1.90 -20.84
CA PHE A 508 -5.50 -1.09 -21.75
C PHE A 508 -4.76 -0.04 -20.94
N SER A 509 -3.43 -0.14 -20.91
CA SER A 509 -2.58 0.76 -20.15
C SER A 509 -1.79 1.67 -21.07
N ASN A 510 -1.21 2.72 -20.49
CA ASN A 510 -0.34 3.65 -21.19
C ASN A 510 0.97 3.74 -20.44
N VAL A 511 2.09 3.63 -21.17
CA VAL A 511 3.42 3.56 -20.56
C VAL A 511 4.32 4.63 -21.16
N ASN A 512 5.30 5.08 -20.37
CA ASN A 512 6.23 6.13 -20.78
C ASN A 512 7.66 5.65 -20.54
N LEU A 513 8.55 6.01 -21.47
CA LEU A 513 9.94 5.58 -21.46
C LEU A 513 10.86 6.78 -21.30
N ASP A 514 12.10 6.50 -20.90
CA ASP A 514 13.06 7.57 -20.60
C ASP A 514 13.99 7.81 -21.78
N PHE A 515 15.06 8.58 -21.53
CA PHE A 515 15.76 9.35 -22.56
C PHE A 515 16.03 8.54 -23.82
N ASN A 516 16.77 7.45 -23.71
CA ASN A 516 17.15 6.65 -24.87
C ASN A 516 16.14 5.53 -25.05
N LEU A 517 15.59 5.43 -26.27
CA LEU A 517 14.42 4.61 -26.56
C LEU A 517 14.75 3.31 -27.29
N SER A 518 15.98 3.15 -27.77
CA SER A 518 16.38 1.98 -28.56
C SER A 518 16.12 0.67 -27.83
N GLN A 519 15.78 0.76 -26.55
CA GLN A 519 15.76 -0.41 -25.69
C GLN A 519 14.69 -1.41 -26.11
N ARG A 520 15.06 -2.68 -26.06
CA ARG A 520 14.12 -3.77 -26.20
C ARG A 520 13.76 -4.28 -24.81
N TYR A 521 12.48 -4.62 -24.63
CA TYR A 521 11.99 -5.16 -23.37
C TYR A 521 11.21 -6.43 -23.64
N ARG A 522 11.36 -7.42 -22.75
CA ARG A 522 10.50 -8.58 -22.75
C ARG A 522 9.42 -8.40 -21.69
N ALA A 523 8.26 -9.02 -21.93
CA ALA A 523 7.09 -8.85 -21.07
C ALA A 523 6.87 -10.10 -20.23
N ARG A 524 6.51 -9.87 -18.97
CA ARG A 524 6.25 -10.93 -18.00
C ARG A 524 5.15 -10.45 -17.07
N ILE A 525 4.13 -11.29 -16.88
CA ILE A 525 2.88 -10.86 -16.24
C ILE A 525 2.53 -11.84 -15.13
N ARG A 526 2.37 -11.33 -13.92
CA ARG A 526 1.95 -12.13 -12.76
C ARG A 526 0.47 -12.47 -12.90
N TYR A 527 0.17 -13.75 -13.09
CA TYR A 527 -1.19 -14.20 -13.35
C TYR A 527 -1.58 -15.32 -12.39
N ALA A 528 -2.88 -15.58 -12.32
CA ALA A 528 -3.43 -16.72 -11.61
C ALA A 528 -4.60 -17.26 -12.43
N SER A 529 -4.55 -18.55 -12.77
CA SER A 529 -5.53 -19.09 -13.69
C SER A 529 -5.82 -20.54 -13.35
N THR A 530 -7.01 -20.99 -13.74
CA THR A 530 -7.48 -22.36 -13.57
C THR A 530 -7.06 -23.26 -14.73
N THR A 531 -6.57 -22.70 -15.82
CA THR A 531 -6.35 -23.45 -17.05
C THR A 531 -5.06 -23.04 -17.72
N ASN A 532 -4.48 -23.97 -18.48
CA ASN A 532 -3.46 -23.61 -19.45
C ASN A 532 -4.07 -22.69 -20.49
N LEU A 533 -3.34 -21.63 -20.84
CA LEU A 533 -3.89 -20.61 -21.73
C LEU A 533 -2.77 -19.94 -22.51
N ARG A 534 -3.18 -19.11 -23.46
CA ARG A 534 -2.27 -18.24 -24.20
C ARG A 534 -2.39 -16.84 -23.63
N ILE A 535 -1.29 -16.31 -23.10
CA ILE A 535 -1.21 -14.94 -22.62
C ILE A 535 -0.44 -14.13 -23.64
N TYR A 536 -0.96 -12.97 -24.02
CA TYR A 536 -0.33 -12.14 -25.03
C TYR A 536 -0.20 -10.71 -24.54
N VAL A 537 0.56 -9.94 -25.30
CA VAL A 537 0.69 -8.50 -25.12
C VAL A 537 0.75 -7.89 -26.50
N THR A 538 0.03 -6.78 -26.70
CA THR A 538 0.16 -6.02 -27.93
C THR A 538 0.60 -4.60 -27.61
N VAL A 539 1.56 -4.11 -28.39
CA VAL A 539 2.10 -2.78 -28.24
C VAL A 539 1.47 -1.88 -29.29
N ALA A 540 1.05 -0.69 -28.87
CA ALA A 540 0.43 0.29 -29.77
C ALA A 540 -0.77 -0.29 -30.50
N GLY A 541 -1.42 -1.30 -29.89
CA GLY A 541 -2.58 -1.93 -30.48
C GLY A 541 -2.37 -2.54 -31.86
N GLU A 542 -1.13 -2.87 -32.21
CA GLU A 542 -0.81 -3.40 -33.53
C GLU A 542 -0.05 -4.72 -33.44
N ARG A 543 1.21 -4.72 -33.02
CA ARG A 543 2.03 -5.93 -33.04
C ARG A 543 1.89 -6.68 -31.71
N ILE A 544 1.87 -8.00 -31.79
CA ILE A 544 1.47 -8.87 -30.69
C ILE A 544 2.58 -9.87 -30.39
N PHE A 545 2.76 -10.16 -29.10
CA PHE A 545 3.71 -11.16 -28.63
C PHE A 545 3.02 -12.01 -27.57
N ALA A 546 2.87 -13.30 -27.84
CA ALA A 546 2.10 -14.20 -27.00
C ALA A 546 2.96 -15.36 -26.53
N GLY A 547 2.37 -16.17 -25.65
CA GLY A 547 2.99 -17.40 -25.18
C GLY A 547 1.92 -18.29 -24.61
N GLN A 548 2.30 -19.54 -24.37
CA GLN A 548 1.42 -20.52 -23.74
C GLN A 548 1.95 -20.85 -22.35
N PHE A 549 1.04 -20.90 -21.37
CA PHE A 549 1.44 -21.00 -19.98
C PHE A 549 0.50 -21.95 -19.25
N ASP A 550 0.84 -22.22 -17.99
CA ASP A 550 0.28 -23.33 -17.24
C ASP A 550 -0.84 -22.91 -16.30
N LYS A 551 -1.76 -23.84 -16.06
CA LYS A 551 -2.69 -23.75 -14.94
C LYS A 551 -1.94 -23.53 -13.64
N THR A 552 -2.52 -22.73 -12.74
CA THR A 552 -1.86 -22.42 -11.48
C THR A 552 -2.71 -22.69 -10.24
N MET A 553 -3.96 -23.11 -10.39
CA MET A 553 -4.82 -23.38 -9.23
C MET A 553 -5.99 -24.25 -9.67
N ASP A 554 -6.73 -24.74 -8.68
CA ASP A 554 -7.89 -25.57 -8.93
C ASP A 554 -9.16 -24.73 -9.01
N ALA A 555 -10.22 -25.35 -9.53
CA ALA A 555 -11.40 -24.59 -9.97
C ALA A 555 -12.07 -23.87 -8.81
N GLY A 556 -12.37 -24.59 -7.73
CA GLY A 556 -12.95 -23.99 -6.56
C GLY A 556 -11.95 -23.47 -5.55
N ALA A 557 -10.66 -23.56 -5.85
CA ALA A 557 -9.64 -23.19 -4.88
C ALA A 557 -9.66 -21.68 -4.61
N PRO A 558 -9.37 -21.27 -3.37
CA PRO A 558 -9.44 -19.85 -3.02
C PRO A 558 -8.12 -19.11 -3.05
N LEU A 559 -7.58 -18.87 -4.26
CA LEU A 559 -6.59 -17.85 -4.56
C LEU A 559 -5.63 -17.51 -3.43
N THR A 560 -4.58 -18.31 -3.24
CA THR A 560 -3.54 -18.00 -2.27
C THR A 560 -2.29 -17.50 -3.00
N PHE A 561 -1.22 -17.29 -2.24
CA PHE A 561 0.01 -16.74 -2.82
C PHE A 561 0.56 -17.64 -3.92
N GLN A 562 0.45 -18.96 -3.75
CA GLN A 562 0.99 -19.88 -4.74
C GLN A 562 0.10 -19.99 -5.97
N SER A 563 -1.10 -19.42 -5.96
CA SER A 563 -1.91 -19.38 -7.17
C SER A 563 -1.32 -18.46 -8.24
N PHE A 564 -0.35 -17.63 -7.88
CA PHE A 564 0.20 -16.63 -8.79
C PHE A 564 1.55 -17.09 -9.32
N SER A 565 1.66 -17.11 -10.65
CA SER A 565 2.91 -17.42 -11.34
C SER A 565 3.26 -16.28 -12.27
N TYR A 566 4.46 -16.35 -12.83
CA TYR A 566 4.95 -15.38 -13.81
C TYR A 566 4.95 -16.02 -15.18
N ALA A 567 4.35 -15.32 -16.15
CA ALA A 567 4.27 -15.79 -17.53
C ALA A 567 5.19 -14.92 -18.38
N THR A 568 6.38 -15.42 -18.67
CA THR A 568 7.36 -14.69 -19.47
C THR A 568 7.17 -15.01 -20.94
N ILE A 569 6.86 -13.98 -21.73
CA ILE A 569 6.79 -14.13 -23.18
C ILE A 569 8.20 -13.99 -23.75
N ASN A 570 8.57 -14.92 -24.64
CA ASN A 570 9.97 -15.04 -25.06
C ASN A 570 10.47 -13.78 -25.76
N THR A 571 9.63 -13.16 -26.58
CA THR A 571 10.09 -12.25 -27.62
C THR A 571 10.16 -10.81 -27.13
N ALA A 572 11.30 -10.17 -27.36
CA ALA A 572 11.49 -8.77 -26.98
C ALA A 572 10.82 -7.85 -27.99
N PHE A 573 10.57 -6.61 -27.57
CA PHE A 573 9.93 -5.64 -28.45
C PHE A 573 10.48 -4.24 -28.17
N THR A 574 10.30 -3.38 -29.16
CA THR A 574 10.71 -1.98 -29.08
C THR A 574 9.49 -1.09 -28.93
N PHE A 575 9.59 -0.11 -28.03
CA PHE A 575 8.39 0.72 -28.06
C PHE A 575 8.53 1.81 -29.13
N PRO A 576 7.45 2.12 -29.84
CA PRO A 576 7.55 3.05 -30.96
C PRO A 576 7.65 4.51 -30.53
N GLU A 577 6.88 4.90 -29.51
CA GLU A 577 6.85 6.27 -29.04
C GLU A 577 7.24 6.30 -27.57
N ARG A 578 7.68 7.48 -27.12
CA ARG A 578 7.94 7.65 -25.69
C ARG A 578 6.66 7.49 -24.88
N SER A 579 5.52 7.84 -25.46
CA SER A 579 4.21 7.59 -24.85
C SER A 579 3.48 6.57 -25.73
N SER A 580 3.65 5.30 -25.39
CA SER A 580 2.95 4.20 -26.05
C SER A 580 1.94 3.59 -25.08
N SER A 581 1.15 2.66 -25.61
CA SER A 581 0.14 1.97 -24.83
C SER A 581 0.31 0.46 -24.99
N LEU A 582 0.03 -0.28 -23.92
CA LEU A 582 0.24 -1.72 -23.88
C LEU A 582 -1.01 -2.42 -23.38
N THR A 583 -1.46 -3.41 -24.14
CA THR A 583 -2.62 -4.21 -23.76
C THR A 583 -2.15 -5.58 -23.25
N VAL A 584 -2.86 -6.09 -22.24
CA VAL A 584 -2.60 -7.41 -21.69
C VAL A 584 -3.87 -8.23 -21.87
N GLY A 585 -3.71 -9.47 -22.35
CA GLY A 585 -4.85 -10.32 -22.59
C GLY A 585 -4.48 -11.79 -22.47
N ALA A 586 -5.51 -12.62 -22.42
CA ALA A 586 -5.34 -14.08 -22.36
C ALA A 586 -6.58 -14.73 -22.94
N ASP A 587 -6.41 -15.44 -24.05
CA ASP A 587 -7.52 -16.19 -24.64
C ASP A 587 -7.18 -17.68 -24.73
N THR A 588 -7.85 -18.39 -25.65
CA THR A 588 -7.60 -19.80 -25.91
C THR A 588 -7.78 -20.67 -24.66
N PHE A 589 -8.89 -20.42 -23.96
CA PHE A 589 -9.31 -21.29 -22.88
C PHE A 589 -10.83 -21.30 -22.85
N SER A 590 -11.39 -22.33 -22.22
CA SER A 590 -12.83 -22.48 -22.17
C SER A 590 -13.42 -21.58 -21.09
N SER A 591 -14.47 -20.85 -21.46
CA SER A 591 -15.09 -19.92 -20.53
C SER A 591 -15.71 -20.69 -19.36
N GLY A 592 -15.98 -19.95 -18.28
CA GLY A 592 -16.32 -20.53 -17.01
C GLY A 592 -15.14 -20.71 -16.10
N ASN A 593 -13.96 -20.97 -16.66
CA ASN A 593 -12.72 -20.88 -15.91
C ASN A 593 -12.46 -19.44 -15.51
N GLU A 594 -11.57 -19.26 -14.53
CA GLU A 594 -11.25 -17.95 -14.00
C GLU A 594 -9.77 -17.65 -14.22
N VAL A 595 -9.48 -16.44 -14.71
CA VAL A 595 -8.12 -16.00 -14.98
C VAL A 595 -7.92 -14.64 -14.32
N TYR A 596 -6.87 -14.52 -13.51
CA TYR A 596 -6.55 -13.29 -12.80
C TYR A 596 -5.25 -12.71 -13.32
N VAL A 597 -5.17 -11.37 -13.29
CA VAL A 597 -3.96 -10.65 -13.66
C VAL A 597 -3.73 -9.55 -12.62
N ASP A 598 -2.55 -9.57 -12.01
CA ASP A 598 -2.16 -8.58 -11.00
C ASP A 598 -1.31 -7.46 -11.57
N ARG A 599 -0.44 -7.78 -12.52
CA ARG A 599 0.74 -6.98 -12.77
C ARG A 599 1.44 -7.46 -14.03
N PHE A 600 1.73 -6.53 -14.92
CA PHE A 600 2.67 -6.82 -16.01
C PHE A 600 3.99 -6.12 -15.70
N GLU A 601 5.08 -6.86 -15.89
CA GLU A 601 6.41 -6.34 -15.68
C GLU A 601 7.12 -6.25 -17.02
N LEU A 602 8.08 -5.33 -17.10
CA LEU A 602 8.81 -5.09 -18.34
C LEU A 602 10.30 -5.21 -18.05
N ILE A 603 10.91 -6.26 -18.59
CA ILE A 603 12.30 -6.60 -18.32
C ILE A 603 13.15 -6.01 -19.45
N PRO A 604 13.94 -4.98 -19.19
CA PRO A 604 14.82 -4.44 -20.24
C PRO A 604 15.89 -5.44 -20.66
N VAL A 605 15.79 -5.96 -21.88
CA VAL A 605 16.77 -6.91 -22.37
C VAL A 605 18.04 -6.16 -22.76
N THR A 606 19.19 -6.69 -22.38
CA THR A 606 20.46 -6.03 -22.60
C THR A 606 21.61 -7.03 -22.44
#